data_5E4D
#
_entry.id   5E4D
#
_cell.length_a   73.616
_cell.length_b   93.867
_cell.length_c   116.167
_cell.angle_alpha   90.00
_cell.angle_beta   90.00
_cell.angle_gamma   90.00
#
_symmetry.space_group_name_H-M   'I 2 2 2'
#
loop_
_entity.id
_entity.type
_entity.pdbx_description
1 polymer 'Hydroxynitrile lyase'
2 non-polymer 'BENZOIC ACID'
3 water water
#
_entity_poly.entity_id   1
_entity_poly.type   'polypeptide(L)'
_entity_poly.pdbx_seq_one_letter_code
;MSYYHHHHHHDYDIPTTENLYFQGAMAGTGGGAEQFQLRGVLWGKAYSWKITGTTIDKVWSIVGDYVRVDNWVSSVVKSS
HVVSGEANQTGCVRRFVCYPASEGESETVDYSELIHMNAAAHQYMYMIVGGNITGFSLMKNYVSNISLSSLPEEDGGGVI
FYWSFTAEPASNLTEQKCIEIVFPLYTTALKDLCTHLSIPESSVTLLDD
;
_entity_poly.pdbx_strand_id   A,B
#
# COMPACT_ATOMS: atom_id res chain seq x y z
N GLU A 34 -10.17 -8.03 -25.56
CA GLU A 34 -10.93 -9.11 -24.94
C GLU A 34 -10.05 -10.33 -24.68
N GLN A 35 -8.82 -10.06 -24.28
CA GLN A 35 -7.84 -11.08 -23.93
C GLN A 35 -7.11 -10.60 -22.67
N PHE A 36 -6.35 -11.49 -22.02
CA PHE A 36 -5.57 -11.09 -20.87
C PHE A 36 -4.46 -12.08 -20.62
N GLN A 37 -3.44 -11.64 -19.88
CA GLN A 37 -2.32 -12.50 -19.56
C GLN A 37 -2.18 -12.64 -18.05
N LEU A 38 -2.12 -13.88 -17.57
CA LEU A 38 -2.01 -14.14 -16.14
C LEU A 38 -0.65 -13.72 -15.61
N ARG A 39 -0.64 -13.22 -14.37
CA ARG A 39 0.60 -12.87 -13.68
C ARG A 39 0.69 -13.71 -12.41
N GLY A 40 1.86 -13.70 -11.80
CA GLY A 40 2.05 -14.41 -10.55
C GLY A 40 1.40 -13.68 -9.39
N VAL A 41 1.02 -14.44 -8.38
CA VAL A 41 0.42 -13.86 -7.17
C VAL A 41 1.53 -13.48 -6.20
N LEU A 42 1.22 -12.60 -5.24
CA LEU A 42 2.22 -12.16 -4.28
C LEU A 42 1.88 -12.56 -2.85
N TRP A 43 2.93 -12.69 -2.04
CA TRP A 43 2.82 -12.80 -0.59
C TRP A 43 2.91 -11.42 0.02
N GLY A 44 2.37 -11.22 1.22
CA GLY A 44 2.61 -9.98 1.93
C GLY A 44 1.55 -9.61 2.93
N LYS A 45 1.78 -8.48 3.61
CA LYS A 45 0.78 -7.98 4.55
C LYS A 45 1.01 -6.48 4.79
N ALA A 46 -0.10 -5.79 5.06
CA ALA A 46 -0.11 -4.38 5.36
C ALA A 46 -0.50 -4.14 6.83
N TYR A 47 0.14 -3.15 7.45
CA TYR A 47 -0.11 -2.82 8.85
C TYR A 47 -0.35 -1.33 9.00
N SER A 48 -1.20 -0.97 9.96
CA SER A 48 -1.42 0.45 10.24
C SER A 48 -1.42 0.72 11.73
N TRP A 49 -0.75 1.80 12.11
CA TRP A 49 -0.68 2.23 13.49
C TRP A 49 -1.24 3.64 13.63
N LYS A 50 -1.87 3.90 14.78
CA LYS A 50 -2.22 5.26 15.16
C LYS A 50 -1.16 5.78 16.13
N ILE A 51 -0.63 6.96 15.85
CA ILE A 51 0.38 7.55 16.74
C ILE A 51 -0.10 8.90 17.29
N THR A 52 -0.32 8.95 18.60
CA THR A 52 -0.71 10.19 19.26
C THR A 52 0.53 10.95 19.76
N GLY A 53 0.33 12.21 20.14
CA GLY A 53 1.40 12.99 20.75
C GLY A 53 2.55 13.33 19.83
N THR A 54 2.26 13.42 18.54
CA THR A 54 3.24 13.80 17.52
C THR A 54 2.54 14.37 16.28
N THR A 55 3.33 14.76 15.29
CA THR A 55 2.82 15.33 14.04
C THR A 55 3.42 14.64 12.85
N ILE A 56 2.81 14.81 11.69
CA ILE A 56 3.32 14.16 10.49
C ILE A 56 4.76 14.62 10.19
N ASP A 57 5.05 15.92 10.37
CA ASP A 57 6.40 16.44 10.17
C ASP A 57 7.44 15.80 11.08
N LYS A 58 7.10 15.64 12.35
CA LYS A 58 8.04 15.07 13.31
C LYS A 58 8.33 13.61 12.99
N VAL A 59 7.29 12.85 12.68
CA VAL A 59 7.48 11.46 12.29
C VAL A 59 8.33 11.38 11.01
N TRP A 60 8.03 12.25 10.04
CA TRP A 60 8.73 12.25 8.76
C TRP A 60 10.20 12.60 8.89
N SER A 61 10.52 13.48 9.84
CA SER A 61 11.91 13.90 10.02
C SER A 61 12.80 12.69 10.32
N ILE A 62 12.21 11.66 10.92
CA ILE A 62 12.91 10.43 11.20
C ILE A 62 12.71 9.34 10.12
N VAL A 63 11.45 9.06 9.82
CA VAL A 63 11.06 8.00 8.88
C VAL A 63 11.37 8.36 7.42
N GLY A 64 11.24 9.64 7.07
CA GLY A 64 11.50 10.10 5.71
C GLY A 64 12.96 10.22 5.27
N ASP A 65 13.89 10.17 6.23
CA ASP A 65 15.31 10.21 5.89
C ASP A 65 15.73 8.78 5.55
N TYR A 66 15.35 8.38 4.34
CA TYR A 66 15.49 7.01 3.88
C TYR A 66 16.91 6.46 3.97
N VAL A 67 17.90 7.22 3.51
CA VAL A 67 19.27 6.74 3.50
C VAL A 67 19.93 6.77 4.89
N ARG A 68 19.30 7.42 5.86
CA ARG A 68 19.79 7.39 7.25
C ARG A 68 18.81 6.62 8.14
N VAL A 69 18.49 5.40 7.73
CA VAL A 69 17.59 4.57 8.52
C VAL A 69 18.27 4.21 9.85
N ASP A 70 19.60 4.33 9.91
CA ASP A 70 20.31 4.09 11.18
C ASP A 70 19.90 5.10 12.27
N ASN A 71 19.37 6.25 11.87
CA ASN A 71 18.85 7.24 12.81
C ASN A 71 17.37 7.01 13.14
N TRP A 72 16.82 5.90 12.65
CA TRP A 72 15.45 5.47 12.99
C TRP A 72 15.47 4.13 13.73
N VAL A 73 15.66 3.03 13.02
CA VAL A 73 15.64 1.69 13.62
C VAL A 73 17.03 1.40 14.22
N SER A 74 17.46 2.28 15.13
N SER A 74 17.46 2.28 15.12
CA SER A 74 18.83 2.25 15.64
CA SER A 74 18.82 2.26 15.64
C SER A 74 19.15 1.02 16.47
C SER A 74 19.13 1.07 16.54
N SER A 75 18.12 0.29 16.89
CA SER A 75 18.36 -0.89 17.73
C SER A 75 18.78 -2.06 16.84
N VAL A 76 18.49 -1.97 15.55
CA VAL A 76 18.83 -3.01 14.59
C VAL A 76 19.94 -2.57 13.64
N VAL A 77 19.92 -1.30 13.26
CA VAL A 77 20.78 -0.77 12.22
C VAL A 77 21.92 0.08 12.79
N LYS A 78 23.15 -0.33 12.50
CA LYS A 78 24.33 0.31 13.04
C LYS A 78 24.71 1.58 12.28
N SER A 79 24.63 1.51 10.95
N SER A 79 24.65 1.51 10.95
CA SER A 79 25.04 2.62 10.07
CA SER A 79 25.02 2.64 10.09
C SER A 79 24.36 2.49 8.72
C SER A 79 24.38 2.49 8.72
N SER A 80 24.30 3.60 7.98
CA SER A 80 23.64 3.60 6.67
C SER A 80 24.13 4.78 5.87
N HIS A 81 24.31 4.59 4.56
CA HIS A 81 24.54 5.73 3.70
C HIS A 81 24.15 5.41 2.27
N VAL A 82 24.01 6.46 1.46
CA VAL A 82 23.67 6.30 0.07
C VAL A 82 24.90 5.76 -0.68
N VAL A 83 24.68 4.82 -1.59
CA VAL A 83 25.80 4.26 -2.36
C VAL A 83 25.56 4.37 -3.87
N SER A 84 24.37 4.83 -4.25
CA SER A 84 24.05 5.06 -5.65
C SER A 84 23.02 6.16 -5.72
N GLY A 85 23.18 7.09 -6.67
CA GLY A 85 22.27 8.22 -6.76
C GLY A 85 22.45 9.29 -5.68
N GLU A 86 21.49 10.21 -5.61
CA GLU A 86 21.51 11.29 -4.61
C GLU A 86 20.66 10.90 -3.42
N ALA A 87 21.10 11.27 -2.22
CA ALA A 87 20.42 10.90 -0.98
C ALA A 87 18.92 11.21 -1.01
N ASN A 88 18.11 10.18 -0.75
CA ASN A 88 16.67 10.29 -0.63
C ASN A 88 15.92 10.71 -1.87
N GLN A 89 16.57 10.55 -3.03
CA GLN A 89 15.87 10.82 -4.27
C GLN A 89 15.52 9.51 -4.94
N THR A 90 14.42 9.51 -5.67
CA THR A 90 13.95 8.30 -6.29
C THR A 90 15.03 7.64 -7.14
N GLY A 91 15.22 6.34 -6.94
CA GLY A 91 16.21 5.60 -7.69
C GLY A 91 17.50 5.42 -6.93
N CYS A 92 17.70 6.18 -5.87
CA CYS A 92 18.92 6.04 -5.06
C CYS A 92 18.94 4.68 -4.36
N VAL A 93 20.14 4.23 -4.00
CA VAL A 93 20.32 3.00 -3.25
C VAL A 93 21.01 3.29 -1.92
N ARG A 94 20.45 2.76 -0.83
CA ARG A 94 21.09 2.82 0.49
C ARG A 94 21.73 1.46 0.80
N ARG A 95 22.84 1.51 1.51
CA ARG A 95 23.51 0.34 2.06
C ARG A 95 23.50 0.52 3.55
N PHE A 96 22.81 -0.34 4.29
CA PHE A 96 22.91 -0.22 5.74
C PHE A 96 23.36 -1.52 6.39
N VAL A 97 24.03 -1.34 7.52
CA VAL A 97 24.65 -2.43 8.24
C VAL A 97 23.86 -2.71 9.52
N CYS A 98 23.53 -3.98 9.73
CA CYS A 98 22.81 -4.41 10.92
C CYS A 98 23.73 -5.04 11.96
N TYR A 99 23.46 -4.76 13.23
CA TYR A 99 24.14 -5.46 14.32
C TYR A 99 23.95 -6.97 14.19
N PRO A 100 24.91 -7.76 14.72
CA PRO A 100 24.78 -9.22 14.70
C PRO A 100 23.47 -9.69 15.30
N ALA A 101 22.89 -10.73 14.70
CA ALA A 101 21.60 -11.27 15.12
C ALA A 101 21.73 -11.93 16.48
N SER A 102 22.91 -12.49 16.74
CA SER A 102 23.22 -13.12 18.02
C SER A 102 24.71 -13.02 18.24
N GLU A 103 25.18 -13.39 19.43
CA GLU A 103 26.61 -13.34 19.69
C GLU A 103 27.35 -14.34 18.78
N GLY A 104 28.53 -13.91 18.31
CA GLY A 104 29.35 -14.76 17.47
C GLY A 104 29.12 -14.54 15.99
N GLU A 105 27.89 -14.17 15.62
CA GLU A 105 27.55 -13.94 14.22
C GLU A 105 28.06 -12.59 13.74
N SER A 106 28.14 -12.45 12.43
N SER A 106 28.17 -12.45 12.42
CA SER A 106 28.66 -11.23 11.83
CA SER A 106 28.70 -11.20 11.87
C SER A 106 27.55 -10.22 11.59
C SER A 106 27.57 -10.22 11.59
N GLU A 107 27.95 -8.96 11.41
CA GLU A 107 27.02 -7.95 10.92
C GLU A 107 26.54 -8.35 9.53
N THR A 108 25.31 -7.99 9.17
CA THR A 108 24.79 -8.29 7.85
C THR A 108 24.43 -6.97 7.14
N VAL A 109 24.19 -7.04 5.83
CA VAL A 109 24.11 -5.83 5.01
C VAL A 109 22.84 -5.87 4.15
N ASP A 110 22.23 -4.71 4.01
CA ASP A 110 21.03 -4.54 3.21
C ASP A 110 21.33 -3.47 2.16
N TYR A 111 21.14 -3.80 0.88
CA TYR A 111 21.06 -2.78 -0.16
C TYR A 111 19.61 -2.67 -0.58
N SER A 112 19.07 -1.47 -0.55
CA SER A 112 17.69 -1.27 -0.99
C SER A 112 17.52 0.03 -1.78
N GLU A 113 16.79 -0.07 -2.88
CA GLU A 113 16.57 1.03 -3.78
C GLU A 113 15.25 1.77 -3.47
N LEU A 114 15.31 3.09 -3.42
CA LEU A 114 14.12 3.90 -3.33
C LEU A 114 13.40 3.93 -4.69
N ILE A 115 12.30 3.18 -4.84
CA ILE A 115 11.68 3.11 -6.18
C ILE A 115 10.52 4.09 -6.35
N HIS A 116 10.06 4.71 -5.27
CA HIS A 116 9.15 5.83 -5.41
C HIS A 116 9.23 6.74 -4.18
N MET A 117 9.37 8.05 -4.40
CA MET A 117 9.41 9.00 -3.28
C MET A 117 8.51 10.19 -3.55
N ASN A 118 7.62 10.47 -2.60
CA ASN A 118 6.83 11.67 -2.66
C ASN A 118 6.82 12.35 -1.30
N ALA A 119 7.83 13.19 -1.05
CA ALA A 119 8.03 13.74 0.29
C ALA A 119 6.88 14.66 0.68
N ALA A 120 6.38 15.42 -0.30
CA ALA A 120 5.26 16.32 -0.07
C ALA A 120 4.02 15.57 0.42
N ALA A 121 3.89 14.32 -0.02
CA ALA A 121 2.76 13.47 0.38
C ALA A 121 3.17 12.43 1.45
N HIS A 122 4.36 12.63 2.03
CA HIS A 122 4.91 11.77 3.09
C HIS A 122 4.72 10.27 2.83
N GLN A 123 5.20 9.83 1.68
CA GLN A 123 5.05 8.43 1.29
C GLN A 123 6.17 8.02 0.36
N TYR A 124 6.63 6.79 0.54
CA TYR A 124 7.63 6.25 -0.35
C TYR A 124 7.60 4.73 -0.41
N MET A 125 8.42 4.20 -1.31
CA MET A 125 8.36 2.79 -1.65
C MET A 125 9.76 2.34 -1.97
N TYR A 126 10.12 1.14 -1.50
CA TYR A 126 11.46 0.64 -1.71
C TYR A 126 11.51 -0.88 -1.84
N MET A 127 12.66 -1.35 -2.32
CA MET A 127 12.90 -2.77 -2.55
C MET A 127 14.33 -3.14 -2.21
N ILE A 128 14.50 -4.32 -1.62
CA ILE A 128 15.83 -4.82 -1.35
C ILE A 128 16.44 -5.34 -2.65
N VAL A 129 17.61 -4.81 -3.00
CA VAL A 129 18.24 -5.16 -4.26
C VAL A 129 19.58 -5.85 -4.06
N GLY A 130 19.89 -6.20 -2.82
CA GLY A 130 21.12 -6.93 -2.53
C GLY A 130 21.41 -7.00 -1.05
N GLY A 131 22.50 -7.69 -0.70
CA GLY A 131 22.91 -7.82 0.69
C GLY A 131 22.57 -9.16 1.30
N ASN A 132 22.99 -9.37 2.54
CA ASN A 132 22.73 -10.63 3.23
C ASN A 132 22.01 -10.41 4.54
N ILE A 133 21.38 -9.24 4.67
CA ILE A 133 20.60 -8.90 5.86
C ILE A 133 19.76 -10.10 6.30
N THR A 134 19.88 -10.45 7.59
CA THR A 134 19.23 -11.63 8.14
C THR A 134 17.73 -11.67 7.86
N GLY A 135 17.24 -12.76 7.27
CA GLY A 135 15.83 -12.94 7.01
C GLY A 135 15.32 -12.19 5.79
N PHE A 136 15.47 -10.87 5.80
CA PHE A 136 14.96 -10.02 4.73
C PHE A 136 15.59 -10.36 3.37
N SER A 137 16.87 -10.76 3.40
CA SER A 137 17.58 -11.11 2.17
C SER A 137 17.16 -12.47 1.61
N LEU A 138 16.40 -13.24 2.40
CA LEU A 138 15.85 -14.51 1.93
C LEU A 138 14.67 -14.36 0.98
N MET A 139 13.92 -13.28 1.13
CA MET A 139 12.73 -13.06 0.30
C MET A 139 13.09 -12.69 -1.13
N LYS A 140 12.21 -13.08 -2.05
CA LYS A 140 12.38 -12.74 -3.46
C LYS A 140 11.60 -11.46 -3.79
N ASN A 141 12.32 -10.45 -4.23
CA ASN A 141 11.75 -9.14 -4.57
C ASN A 141 10.89 -8.57 -3.45
N TYR A 142 11.52 -8.40 -2.29
CA TYR A 142 10.89 -7.75 -1.15
C TYR A 142 10.68 -6.29 -1.50
N VAL A 143 9.42 -5.87 -1.46
CA VAL A 143 9.06 -4.50 -1.74
C VAL A 143 8.24 -3.96 -0.58
N SER A 144 8.53 -2.75 -0.13
CA SER A 144 7.84 -2.19 1.04
C SER A 144 7.29 -0.80 0.74
N ASN A 145 6.16 -0.47 1.34
CA ASN A 145 5.53 0.84 1.21
C ASN A 145 5.33 1.52 2.55
N ILE A 146 5.73 2.78 2.65
CA ILE A 146 5.47 3.57 3.85
C ILE A 146 4.62 4.79 3.49
N SER A 147 3.51 4.98 4.21
CA SER A 147 2.65 6.14 3.98
C SER A 147 2.26 6.79 5.31
N LEU A 148 2.42 8.11 5.44
CA LEU A 148 1.93 8.80 6.63
C LEU A 148 0.74 9.69 6.30
N SER A 149 -0.25 9.72 7.20
CA SER A 149 -1.43 10.56 7.05
C SER A 149 -1.73 11.27 8.36
N SER A 150 -2.26 12.47 8.29
CA SER A 150 -2.72 13.16 9.51
C SER A 150 -4.19 12.89 9.78
N LEU A 151 -4.51 12.54 11.02
CA LEU A 151 -5.92 12.46 11.44
C LEU A 151 -6.47 13.88 11.64
N PRO A 152 -7.79 14.07 11.43
CA PRO A 152 -8.38 15.40 11.55
C PRO A 152 -8.11 16.09 12.88
N GLU A 153 -7.81 17.39 12.82
CA GLU A 153 -7.55 18.23 13.98
C GLU A 153 -8.61 18.03 15.06
N GLU A 154 -9.87 18.04 14.61
CA GLU A 154 -11.02 17.97 15.50
C GLU A 154 -11.19 16.62 16.17
N ASP A 155 -10.45 15.61 15.71
CA ASP A 155 -10.51 14.28 16.31
C ASP A 155 -9.30 14.02 17.19
N GLY A 156 -8.61 15.08 17.60
CA GLY A 156 -7.46 14.97 18.46
C GLY A 156 -6.15 14.74 17.73
N GLY A 157 -6.16 14.94 16.41
CA GLY A 157 -4.97 14.79 15.60
C GLY A 157 -4.30 13.43 15.70
N GLY A 158 -3.00 13.40 15.45
CA GLY A 158 -2.27 12.14 15.42
C GLY A 158 -1.95 11.72 14.00
N VAL A 159 -1.10 10.70 13.87
CA VAL A 159 -0.63 10.24 12.58
C VAL A 159 -1.03 8.79 12.35
N ILE A 160 -1.47 8.49 11.12
CA ILE A 160 -1.65 7.10 10.72
C ILE A 160 -0.40 6.70 9.97
N PHE A 161 0.31 5.71 10.50
CA PHE A 161 1.52 5.20 9.87
C PHE A 161 1.11 3.89 9.15
N TYR A 162 1.15 3.88 7.82
CA TYR A 162 0.88 2.67 7.03
C TYR A 162 2.20 2.08 6.56
N TRP A 163 2.36 0.77 6.74
CA TRP A 163 3.57 0.05 6.34
C TRP A 163 3.18 -1.32 5.84
N SER A 164 3.49 -1.62 4.58
CA SER A 164 3.17 -2.92 3.98
C SER A 164 4.38 -3.51 3.30
N PHE A 165 4.35 -4.81 3.04
CA PHE A 165 5.35 -5.42 2.17
C PHE A 165 4.71 -6.46 1.27
N THR A 166 5.39 -6.74 0.16
CA THR A 166 5.11 -7.95 -0.63
C THR A 166 6.43 -8.66 -0.93
N ALA A 167 6.32 -9.93 -1.26
CA ALA A 167 7.44 -10.70 -1.75
C ALA A 167 6.86 -11.75 -2.67
N GLU A 168 7.66 -12.20 -3.63
CA GLU A 168 7.23 -13.25 -4.56
C GLU A 168 7.38 -14.62 -3.93
N PRO A 169 6.40 -15.51 -4.17
CA PRO A 169 6.48 -16.87 -3.64
C PRO A 169 7.76 -17.56 -4.10
N ALA A 170 8.44 -18.23 -3.18
CA ALA A 170 9.61 -19.02 -3.51
C ALA A 170 9.66 -20.24 -2.60
N SER A 171 10.41 -21.26 -2.99
CA SER A 171 10.34 -22.56 -2.32
C SER A 171 11.04 -22.62 -0.97
N ASN A 172 11.96 -21.69 -0.72
CA ASN A 172 12.69 -21.70 0.53
C ASN A 172 11.95 -20.95 1.63
N LEU A 173 10.79 -20.38 1.31
CA LEU A 173 10.02 -19.67 2.33
C LEU A 173 8.53 -20.01 2.21
N THR A 174 7.75 -19.50 3.16
CA THR A 174 6.30 -19.48 3.06
C THR A 174 5.86 -18.06 3.38
N GLU A 175 4.61 -17.74 3.07
CA GLU A 175 4.10 -16.43 3.41
C GLU A 175 4.14 -16.22 4.91
N GLN A 176 3.78 -17.26 5.67
CA GLN A 176 3.83 -17.16 7.12
C GLN A 176 5.25 -16.85 7.61
N LYS A 177 6.25 -17.49 7.00
CA LYS A 177 7.64 -17.24 7.38
C LYS A 177 8.07 -15.81 7.05
N CYS A 178 7.54 -15.25 5.96
CA CYS A 178 7.86 -13.86 5.61
C CYS A 178 7.31 -12.92 6.67
N ILE A 179 6.07 -13.17 7.07
CA ILE A 179 5.41 -12.37 8.05
C ILE A 179 6.18 -12.39 9.36
N GLU A 180 6.64 -13.59 9.74
CA GLU A 180 7.47 -13.73 10.96
C GLU A 180 8.84 -13.05 10.82
N ILE A 181 9.29 -12.79 9.60
CA ILE A 181 10.50 -11.98 9.43
C ILE A 181 10.17 -10.49 9.55
N VAL A 182 9.09 -10.08 8.90
CA VAL A 182 8.85 -8.66 8.68
C VAL A 182 8.17 -8.00 9.88
N PHE A 183 7.09 -8.61 10.37
CA PHE A 183 6.28 -7.95 11.40
C PHE A 183 7.05 -7.57 12.68
N PRO A 184 7.89 -8.51 13.20
CA PRO A 184 8.67 -8.13 14.39
C PRO A 184 9.59 -6.93 14.15
N LEU A 185 10.15 -6.82 12.96
CA LEU A 185 10.99 -5.69 12.61
C LEU A 185 10.17 -4.40 12.58
N TYR A 186 9.05 -4.40 11.87
CA TYR A 186 8.16 -3.23 11.88
C TYR A 186 7.85 -2.82 13.33
N THR A 187 7.49 -3.80 14.16
CA THR A 187 7.17 -3.51 15.55
C THR A 187 8.35 -2.84 16.29
N THR A 188 9.54 -3.41 16.14
CA THR A 188 10.75 -2.80 16.71
C THR A 188 10.96 -1.37 16.19
N ALA A 189 10.73 -1.18 14.90
CA ALA A 189 10.94 0.13 14.29
C ALA A 189 9.95 1.15 14.85
N LEU A 190 8.73 0.72 15.13
CA LEU A 190 7.76 1.64 15.72
C LEU A 190 8.19 2.01 17.14
N LYS A 191 8.73 1.04 17.88
CA LYS A 191 9.30 1.34 19.20
C LYS A 191 10.49 2.31 19.10
N ASP A 192 11.42 2.01 18.20
CA ASP A 192 12.58 2.87 17.99
C ASP A 192 12.19 4.28 17.57
N LEU A 193 11.13 4.39 16.77
CA LEU A 193 10.57 5.70 16.43
C LEU A 193 10.22 6.55 17.66
N CYS A 194 9.49 5.95 18.60
CA CYS A 194 9.11 6.63 19.83
C CYS A 194 10.31 7.14 20.62
N THR A 195 11.34 6.29 20.69
CA THR A 195 12.56 6.64 21.38
C THR A 195 13.17 7.90 20.77
N HIS A 196 13.27 7.91 19.44
CA HIS A 196 13.82 9.06 18.75
C HIS A 196 12.91 10.28 18.80
N LEU A 197 11.61 10.07 18.96
CA LEU A 197 10.66 11.18 19.10
C LEU A 197 10.55 11.65 20.56
N SER A 198 11.17 10.90 21.46
CA SER A 198 11.05 11.12 22.90
C SER A 198 9.58 11.15 23.36
N ILE A 199 8.79 10.19 22.87
CA ILE A 199 7.41 10.00 23.34
C ILE A 199 7.25 8.58 23.87
N PRO A 200 6.30 8.37 24.79
CA PRO A 200 6.10 7.02 25.34
C PRO A 200 5.64 6.01 24.28
N GLU A 201 5.94 4.73 24.48
CA GLU A 201 5.52 3.70 23.53
C GLU A 201 4.01 3.59 23.49
N SER A 202 3.35 4.08 24.54
CA SER A 202 1.89 4.05 24.60
C SER A 202 1.28 5.02 23.59
N SER A 203 2.13 5.82 22.94
CA SER A 203 1.67 6.75 21.91
C SER A 203 1.27 5.98 20.65
N VAL A 204 1.79 4.76 20.53
CA VAL A 204 1.57 3.91 19.37
C VAL A 204 0.56 2.80 19.60
N THR A 205 -0.46 2.74 18.74
CA THR A 205 -1.45 1.67 18.75
C THR A 205 -1.55 1.01 17.38
N LEU A 206 -1.30 -0.29 17.32
CA LEU A 206 -1.52 -1.07 16.11
C LEU A 206 -3.01 -1.19 15.86
N LEU A 207 -3.48 -0.69 14.71
CA LEU A 207 -4.91 -0.80 14.38
C LEU A 207 -5.34 -2.22 14.04
N ASP A 208 -6.54 -2.58 14.51
CA ASP A 208 -7.15 -3.91 14.34
C ASP A 208 -6.34 -5.02 15.03
N GLU B 34 29.04 -7.94 -1.62
CA GLU B 34 28.81 -6.50 -1.64
C GLU B 34 28.47 -6.03 -3.06
N GLN B 35 27.23 -6.28 -3.46
CA GLN B 35 26.77 -5.99 -4.81
C GLN B 35 25.25 -5.82 -4.77
N PHE B 36 24.71 -5.09 -5.73
CA PHE B 36 23.28 -4.92 -5.81
C PHE B 36 22.82 -4.81 -7.25
N GLN B 37 21.52 -4.95 -7.46
CA GLN B 37 20.95 -4.89 -8.80
C GLN B 37 19.95 -3.75 -8.96
N LEU B 38 20.33 -2.72 -9.72
CA LEU B 38 19.49 -1.56 -9.95
C LEU B 38 18.26 -1.92 -10.77
N ARG B 39 17.14 -1.32 -10.42
CA ARG B 39 15.92 -1.52 -11.17
C ARG B 39 15.27 -0.20 -11.47
N GLY B 40 14.20 -0.22 -12.27
CA GLY B 40 13.48 0.99 -12.61
C GLY B 40 12.65 1.54 -11.47
N VAL B 41 12.33 2.82 -11.53
CA VAL B 41 11.49 3.43 -10.51
C VAL B 41 10.03 3.27 -10.92
N LEU B 42 9.13 3.68 -10.03
CA LEU B 42 7.70 3.54 -10.28
C LEU B 42 6.98 4.88 -10.19
N TRP B 43 5.85 4.97 -10.87
CA TRP B 43 4.91 6.06 -10.64
C TRP B 43 3.84 5.57 -9.66
N GLY B 44 3.13 6.49 -9.03
CA GLY B 44 1.98 6.13 -8.24
C GLY B 44 1.66 7.07 -7.10
N LYS B 45 0.59 6.76 -6.37
CA LYS B 45 0.22 7.54 -5.20
C LYS B 45 -0.71 6.74 -4.32
N ALA B 46 -0.64 7.05 -3.03
CA ALA B 46 -1.47 6.41 -2.01
C ALA B 46 -2.40 7.45 -1.38
N TYR B 47 -3.63 7.04 -1.12
CA TYR B 47 -4.62 7.93 -0.54
C TYR B 47 -5.23 7.25 0.68
N SER B 48 -5.60 8.02 1.70
CA SER B 48 -6.37 7.47 2.84
C SER B 48 -7.57 8.35 3.18
N TRP B 49 -8.70 7.71 3.44
CA TRP B 49 -9.89 8.42 3.86
C TRP B 49 -10.36 7.89 5.21
N LYS B 50 -10.98 8.76 6.00
CA LYS B 50 -11.69 8.32 7.20
C LYS B 50 -13.16 8.26 6.86
N ILE B 51 -13.80 7.16 7.26
CA ILE B 51 -15.23 6.97 7.02
C ILE B 51 -15.93 6.74 8.34
N THR B 52 -16.86 7.61 8.67
CA THR B 52 -17.62 7.50 9.91
C THR B 52 -18.97 6.87 9.63
N GLY B 53 -19.69 6.50 10.69
CA GLY B 53 -21.09 6.10 10.54
C GLY B 53 -21.29 4.70 9.98
N THR B 54 -20.24 3.88 10.03
CA THR B 54 -20.30 2.52 9.51
C THR B 54 -19.28 1.63 10.24
N THR B 55 -19.15 0.38 9.80
CA THR B 55 -18.19 -0.55 10.39
C THR B 55 -17.29 -1.14 9.33
N ILE B 56 -16.13 -1.64 9.73
CA ILE B 56 -15.21 -2.23 8.76
C ILE B 56 -15.82 -3.41 8.01
N ASP B 57 -16.72 -4.16 8.64
N ASP B 57 -16.70 -4.14 8.70
CA ASP B 57 -17.29 -5.33 7.98
CA ASP B 57 -17.39 -5.30 8.14
C ASP B 57 -18.46 -4.98 7.04
C ASP B 57 -18.34 -4.89 7.02
N LYS B 58 -19.13 -3.86 7.28
CA LYS B 58 -20.11 -3.37 6.32
C LYS B 58 -19.40 -2.82 5.08
N VAL B 59 -18.32 -2.07 5.30
CA VAL B 59 -17.54 -1.56 4.17
C VAL B 59 -16.98 -2.71 3.36
N TRP B 60 -16.41 -3.71 4.03
CA TRP B 60 -15.81 -4.88 3.36
C TRP B 60 -16.80 -5.66 2.50
N SER B 61 -18.07 -5.72 2.92
CA SER B 61 -19.06 -6.49 2.18
C SER B 61 -19.25 -5.94 0.77
N ILE B 62 -18.93 -4.67 0.60
N ILE B 62 -18.90 -4.67 0.57
CA ILE B 62 -18.99 -3.99 -0.69
CA ILE B 62 -19.00 -4.05 -0.74
C ILE B 62 -17.63 -4.03 -1.38
C ILE B 62 -17.63 -3.99 -1.42
N VAL B 63 -16.65 -3.45 -0.71
CA VAL B 63 -15.31 -3.26 -1.24
C VAL B 63 -14.55 -4.57 -1.43
N GLY B 64 -14.80 -5.53 -0.52
CA GLY B 64 -14.10 -6.80 -0.51
C GLY B 64 -14.63 -7.81 -1.52
N ASP B 65 -15.82 -7.57 -2.07
CA ASP B 65 -16.39 -8.49 -3.07
C ASP B 65 -15.80 -8.15 -4.43
N TYR B 66 -14.53 -8.50 -4.57
CA TYR B 66 -13.70 -8.15 -5.72
C TYR B 66 -14.36 -8.39 -7.08
N VAL B 67 -14.90 -9.58 -7.30
CA VAL B 67 -15.42 -9.89 -8.63
C VAL B 67 -16.81 -9.32 -8.85
N ARG B 68 -17.40 -8.70 -7.83
CA ARG B 68 -18.67 -8.01 -8.04
C ARG B 68 -18.49 -6.52 -7.80
N VAL B 69 -17.52 -5.92 -8.47
CA VAL B 69 -17.28 -4.48 -8.33
C VAL B 69 -18.46 -3.66 -8.88
N ASP B 70 -19.32 -4.30 -9.69
CA ASP B 70 -20.53 -3.61 -10.18
C ASP B 70 -21.48 -3.27 -9.01
N ASN B 71 -21.44 -4.06 -7.94
CA ASN B 71 -22.18 -3.72 -6.72
C ASN B 71 -21.53 -2.61 -5.88
N TRP B 72 -20.36 -2.14 -6.29
CA TRP B 72 -19.66 -1.05 -5.58
C TRP B 72 -19.63 0.24 -6.41
N VAL B 73 -18.77 0.32 -7.42
CA VAL B 73 -18.57 1.55 -8.15
C VAL B 73 -19.61 1.62 -9.27
N SER B 74 -20.87 1.68 -8.87
N SER B 74 -20.87 1.64 -8.87
CA SER B 74 -21.99 1.59 -9.80
CA SER B 74 -21.99 1.45 -9.79
C SER B 74 -22.19 2.82 -10.67
C SER B 74 -22.17 2.58 -10.80
N SER B 75 -21.47 3.91 -10.37
N SER B 75 -21.63 3.77 -10.51
CA SER B 75 -21.51 5.08 -11.26
CA SER B 75 -21.77 4.89 -11.45
C SER B 75 -20.67 4.87 -12.51
C SER B 75 -20.73 4.82 -12.56
N VAL B 76 -19.86 3.82 -12.50
CA VAL B 76 -18.88 3.59 -13.55
C VAL B 76 -19.01 2.19 -14.16
N VAL B 77 -19.25 1.21 -13.31
CA VAL B 77 -19.23 -0.18 -13.73
C VAL B 77 -20.67 -0.66 -13.94
N LYS B 78 -20.92 -1.26 -15.09
CA LYS B 78 -22.25 -1.74 -15.47
C LYS B 78 -22.47 -3.18 -15.00
N SER B 79 -21.41 -3.99 -15.14
CA SER B 79 -21.49 -5.42 -14.87
C SER B 79 -20.09 -5.99 -14.63
N SER B 80 -20.02 -7.12 -13.95
CA SER B 80 -18.73 -7.68 -13.58
C SER B 80 -18.90 -9.15 -13.27
N HIS B 81 -17.90 -9.96 -13.61
CA HIS B 81 -17.89 -11.35 -13.15
C HIS B 81 -16.50 -11.98 -13.25
N VAL B 82 -16.35 -13.10 -12.55
CA VAL B 82 -15.11 -13.84 -12.55
C VAL B 82 -15.00 -14.59 -13.88
N VAL B 83 -13.82 -14.58 -14.47
CA VAL B 83 -13.59 -15.25 -15.75
C VAL B 83 -12.43 -16.21 -15.66
N SER B 84 -11.71 -16.18 -14.54
CA SER B 84 -10.64 -17.13 -14.31
C SER B 84 -10.50 -17.39 -12.81
N GLY B 85 -10.31 -18.66 -12.45
CA GLY B 85 -10.13 -19.07 -11.08
C GLY B 85 -11.41 -19.02 -10.26
N GLU B 86 -11.28 -19.14 -8.94
N GLU B 86 -11.27 -19.11 -8.94
CA GLU B 86 -12.45 -19.08 -8.07
CA GLU B 86 -12.42 -19.07 -8.05
C GLU B 86 -12.69 -17.64 -7.60
C GLU B 86 -12.69 -17.65 -7.59
N ALA B 87 -13.96 -17.26 -7.55
CA ALA B 87 -14.33 -15.90 -7.15
C ALA B 87 -13.65 -15.43 -5.87
N ASN B 88 -12.93 -14.32 -5.98
CA ASN B 88 -12.28 -13.62 -4.87
C ASN B 88 -11.18 -14.41 -4.18
N GLN B 89 -10.70 -15.46 -4.83
CA GLN B 89 -9.53 -16.18 -4.35
C GLN B 89 -8.33 -15.64 -5.10
N THR B 90 -7.17 -15.59 -4.43
N THR B 90 -7.17 -15.60 -4.44
CA THR B 90 -6.00 -14.98 -5.06
CA THR B 90 -5.98 -15.05 -5.08
C THR B 90 -5.68 -15.73 -6.36
C THR B 90 -5.67 -15.76 -6.38
N GLY B 91 -5.34 -14.98 -7.39
CA GLY B 91 -5.09 -15.54 -8.70
C GLY B 91 -6.27 -15.35 -9.65
N CYS B 92 -7.48 -15.16 -9.10
CA CYS B 92 -8.66 -15.03 -9.95
C CYS B 92 -8.60 -13.76 -10.80
N VAL B 93 -9.37 -13.76 -11.89
CA VAL B 93 -9.45 -12.61 -12.78
C VAL B 93 -10.91 -12.22 -12.93
N ARG B 94 -11.19 -10.95 -12.76
CA ARG B 94 -12.52 -10.43 -13.03
C ARG B 94 -12.51 -9.71 -14.37
N ARG B 95 -13.67 -9.70 -15.02
CA ARG B 95 -13.88 -8.93 -16.23
C ARG B 95 -15.05 -8.02 -15.95
N PHE B 96 -14.86 -6.70 -16.10
CA PHE B 96 -16.00 -5.86 -15.89
C PHE B 96 -16.13 -4.79 -16.96
N VAL B 97 -17.39 -4.41 -17.17
CA VAL B 97 -17.79 -3.52 -18.25
C VAL B 97 -18.11 -2.14 -17.69
N CYS B 98 -17.51 -1.11 -18.26
CA CYS B 98 -17.76 0.27 -17.85
C CYS B 98 -18.71 0.95 -18.80
N TYR B 99 -19.58 1.79 -18.26
CA TYR B 99 -20.41 2.67 -19.09
C TYR B 99 -19.53 3.58 -19.92
N PRO B 100 -20.06 4.08 -21.04
CA PRO B 100 -19.31 5.06 -21.83
C PRO B 100 -18.81 6.20 -20.95
N ALA B 101 -17.54 6.55 -21.09
CA ALA B 101 -16.88 7.52 -20.22
C ALA B 101 -17.45 8.92 -20.44
N SER B 102 -17.79 9.20 -21.67
CA SER B 102 -18.47 10.42 -22.01
C SER B 102 -19.45 10.10 -23.12
N GLU B 103 -20.32 11.07 -23.39
CA GLU B 103 -21.37 10.93 -24.38
C GLU B 103 -20.76 10.61 -25.75
N GLY B 104 -21.38 9.67 -26.47
CA GLY B 104 -20.88 9.28 -27.78
C GLY B 104 -19.91 8.11 -27.80
N GLU B 105 -19.05 8.01 -26.77
CA GLU B 105 -18.08 6.91 -26.68
C GLU B 105 -18.78 5.57 -26.42
N SER B 106 -18.02 4.49 -26.49
N SER B 106 -18.02 4.49 -26.49
CA SER B 106 -18.60 3.17 -26.25
CA SER B 106 -18.58 3.16 -26.26
C SER B 106 -18.22 2.64 -24.87
C SER B 106 -18.18 2.61 -24.89
N GLU B 107 -18.83 1.52 -24.50
CA GLU B 107 -18.48 0.83 -23.26
C GLU B 107 -17.05 0.33 -23.38
N THR B 108 -16.35 0.22 -22.25
CA THR B 108 -15.02 -0.38 -22.28
C THR B 108 -14.93 -1.51 -21.25
N VAL B 109 -13.85 -2.26 -21.32
CA VAL B 109 -13.73 -3.49 -20.53
C VAL B 109 -12.41 -3.52 -19.75
N ASP B 110 -12.48 -4.03 -18.53
CA ASP B 110 -11.33 -4.16 -17.66
C ASP B 110 -11.19 -5.64 -17.27
N TYR B 111 -10.02 -6.23 -17.54
CA TYR B 111 -9.63 -7.48 -16.93
C TYR B 111 -8.59 -7.20 -15.85
N SER B 112 -8.89 -7.58 -14.63
CA SER B 112 -7.94 -7.36 -13.55
C SER B 112 -7.78 -8.63 -12.74
N GLU B 113 -6.53 -8.91 -12.35
CA GLU B 113 -6.26 -10.10 -11.57
C GLU B 113 -6.03 -9.79 -10.11
N LEU B 114 -6.63 -10.58 -9.26
CA LEU B 114 -6.40 -10.51 -7.83
C LEU B 114 -5.05 -11.16 -7.53
N ILE B 115 -4.08 -10.40 -7.03
CA ILE B 115 -2.75 -10.98 -6.83
C ILE B 115 -2.35 -11.11 -5.36
N HIS B 116 -3.19 -10.60 -4.47
CA HIS B 116 -3.10 -10.90 -3.03
C HIS B 116 -4.45 -10.71 -2.38
N MET B 117 -4.80 -11.56 -1.44
CA MET B 117 -6.06 -11.38 -0.73
C MET B 117 -5.96 -11.91 0.69
N ASN B 118 -6.30 -11.05 1.64
CA ASN B 118 -6.37 -11.43 3.05
C ASN B 118 -7.67 -10.87 3.59
N ALA B 119 -8.74 -11.63 3.44
CA ALA B 119 -10.09 -11.17 3.76
C ALA B 119 -10.26 -10.84 5.24
N ALA B 120 -9.73 -11.69 6.12
CA ALA B 120 -9.85 -11.47 7.56
C ALA B 120 -9.11 -10.20 8.01
N ALA B 121 -8.12 -9.80 7.22
CA ALA B 121 -7.35 -8.59 7.49
C ALA B 121 -7.78 -7.43 6.59
N HIS B 122 -8.86 -7.64 5.84
CA HIS B 122 -9.51 -6.59 5.04
C HIS B 122 -8.55 -5.87 4.10
N GLN B 123 -7.77 -6.63 3.35
CA GLN B 123 -6.81 -6.03 2.45
C GLN B 123 -6.58 -6.91 1.22
N TYR B 124 -6.43 -6.28 0.07
CA TYR B 124 -6.09 -7.03 -1.14
C TYR B 124 -5.37 -6.19 -2.18
N MET B 125 -4.87 -6.87 -3.20
CA MET B 125 -4.03 -6.26 -4.22
C MET B 125 -4.45 -6.79 -5.58
N TYR B 126 -4.56 -5.90 -6.55
CA TYR B 126 -4.92 -6.34 -7.89
C TYR B 126 -4.18 -5.56 -8.97
N MET B 127 -4.23 -6.12 -10.18
CA MET B 127 -3.50 -5.60 -11.32
C MET B 127 -4.34 -5.74 -12.60
N ILE B 128 -4.34 -4.72 -13.44
CA ILE B 128 -5.03 -4.84 -14.71
C ILE B 128 -4.19 -5.68 -15.67
N VAL B 129 -4.82 -6.72 -16.22
CA VAL B 129 -4.14 -7.68 -17.08
C VAL B 129 -4.72 -7.71 -18.51
N GLY B 130 -5.64 -6.80 -18.82
CA GLY B 130 -6.23 -6.73 -20.15
C GLY B 130 -7.41 -5.77 -20.25
N GLY B 131 -7.89 -5.51 -21.47
CA GLY B 131 -9.04 -4.66 -21.66
C GLY B 131 -8.71 -3.28 -22.21
N ASN B 132 -9.72 -2.53 -22.61
CA ASN B 132 -9.52 -1.18 -23.12
C ASN B 132 -10.16 -0.13 -22.20
N ILE B 133 -10.37 -0.50 -20.93
CA ILE B 133 -10.99 0.43 -19.98
C ILE B 133 -10.35 1.81 -20.04
N THR B 134 -11.23 2.81 -20.13
CA THR B 134 -10.81 4.18 -20.45
C THR B 134 -9.80 4.71 -19.44
N GLY B 135 -8.66 5.17 -19.94
CA GLY B 135 -7.63 5.73 -19.08
C GLY B 135 -6.81 4.66 -18.40
N PHE B 136 -7.45 3.80 -17.62
CA PHE B 136 -6.73 2.80 -16.84
C PHE B 136 -5.93 1.85 -17.72
N SER B 137 -6.43 1.54 -18.92
CA SER B 137 -5.72 0.60 -19.78
C SER B 137 -4.53 1.26 -20.49
N LEU B 138 -4.37 2.57 -20.33
CA LEU B 138 -3.22 3.27 -20.91
C LEU B 138 -1.96 3.02 -20.09
N MET B 139 -2.12 2.77 -18.80
CA MET B 139 -0.98 2.58 -17.90
C MET B 139 -0.34 1.22 -18.07
N LYS B 140 0.98 1.18 -17.93
CA LYS B 140 1.71 -0.09 -17.94
C LYS B 140 1.78 -0.69 -16.54
N ASN B 141 1.37 -1.94 -16.41
CA ASN B 141 1.37 -2.65 -15.12
C ASN B 141 0.76 -1.84 -13.97
N TYR B 142 -0.48 -1.41 -14.16
CA TYR B 142 -1.26 -0.78 -13.11
C TYR B 142 -1.54 -1.78 -12.00
N VAL B 143 -1.05 -1.47 -10.80
CA VAL B 143 -1.21 -2.32 -9.63
C VAL B 143 -1.90 -1.50 -8.56
N SER B 144 -2.91 -2.05 -7.88
CA SER B 144 -3.62 -1.27 -6.88
C SER B 144 -3.73 -2.03 -5.57
N ASN B 145 -3.72 -1.28 -4.47
CA ASN B 145 -3.84 -1.86 -3.15
C ASN B 145 -4.97 -1.24 -2.38
N ILE B 146 -5.75 -2.08 -1.70
CA ILE B 146 -6.85 -1.62 -0.87
C ILE B 146 -6.69 -2.23 0.51
N SER B 147 -6.75 -1.38 1.53
N SER B 147 -6.70 -1.38 1.53
CA SER B 147 -6.56 -1.81 2.92
CA SER B 147 -6.57 -1.83 2.91
C SER B 147 -7.56 -1.10 3.81
C SER B 147 -7.58 -1.10 3.79
N LEU B 148 -8.33 -1.86 4.60
CA LEU B 148 -9.25 -1.25 5.55
C LEU B 148 -8.72 -1.45 6.98
N SER B 149 -8.89 -0.43 7.83
CA SER B 149 -8.50 -0.54 9.23
C SER B 149 -9.57 0.11 10.10
N SER B 150 -9.71 -0.34 11.35
CA SER B 150 -10.62 0.34 12.26
C SER B 150 -9.90 1.31 13.19
N LEU B 151 -10.46 2.50 13.35
CA LEU B 151 -10.00 3.39 14.41
C LEU B 151 -10.49 2.84 15.75
N PRO B 152 -9.74 3.11 16.84
CA PRO B 152 -10.12 2.57 18.15
C PRO B 152 -11.53 2.91 18.55
N GLU B 153 -12.25 1.93 19.08
CA GLU B 153 -13.59 2.12 19.62
C GLU B 153 -13.58 3.24 20.64
N GLU B 154 -12.57 3.18 21.50
CA GLU B 154 -12.35 4.13 22.59
C GLU B 154 -12.33 5.58 22.11
N ASP B 155 -11.88 5.81 20.87
CA ASP B 155 -11.74 7.17 20.36
C ASP B 155 -12.71 7.50 19.23
N GLY B 156 -13.87 6.84 19.21
CA GLY B 156 -14.90 7.16 18.24
C GLY B 156 -15.24 6.09 17.22
N GLY B 157 -14.29 5.20 16.96
CA GLY B 157 -14.45 4.22 15.90
C GLY B 157 -14.27 4.87 14.54
N GLY B 158 -14.74 4.18 13.49
CA GLY B 158 -14.59 4.67 12.13
C GLY B 158 -13.59 3.83 11.36
N VAL B 159 -13.64 3.93 10.04
CA VAL B 159 -12.79 3.10 9.20
C VAL B 159 -11.78 3.98 8.47
N ILE B 160 -10.53 3.53 8.42
CA ILE B 160 -9.54 4.11 7.52
C ILE B 160 -9.46 3.29 6.24
N PHE B 161 -9.71 3.95 5.11
CA PHE B 161 -9.71 3.32 3.81
C PHE B 161 -8.43 3.78 3.13
N TYR B 162 -7.47 2.87 2.95
CA TYR B 162 -6.24 3.12 2.21
C TYR B 162 -6.36 2.55 0.80
N TRP B 163 -6.03 3.38 -0.19
CA TRP B 163 -6.11 2.99 -1.59
C TRP B 163 -4.91 3.56 -2.33
N SER B 164 -4.10 2.70 -2.91
CA SER B 164 -2.91 3.16 -3.64
C SER B 164 -2.81 2.51 -4.99
N PHE B 165 -2.02 3.12 -5.87
CA PHE B 165 -1.69 2.50 -7.14
C PHE B 165 -0.23 2.77 -7.47
N THR B 166 0.34 1.89 -8.28
CA THR B 166 1.57 2.21 -9.00
C THR B 166 1.41 1.85 -10.47
N ALA B 167 2.21 2.49 -11.31
CA ALA B 167 2.33 2.11 -12.71
C ALA B 167 3.79 2.22 -13.09
N GLU B 168 4.20 1.50 -14.12
CA GLU B 168 5.55 1.61 -14.64
C GLU B 168 5.64 2.76 -15.61
N PRO B 169 6.62 3.66 -15.41
CA PRO B 169 6.80 4.82 -16.29
C PRO B 169 6.88 4.35 -17.73
N ALA B 170 6.28 5.11 -18.64
CA ALA B 170 6.26 4.73 -20.04
C ALA B 170 6.28 5.98 -20.88
N SER B 171 6.88 5.89 -22.06
CA SER B 171 7.08 7.06 -22.89
C SER B 171 5.74 7.73 -23.26
N ASN B 172 4.70 6.93 -23.46
CA ASN B 172 3.43 7.46 -23.94
C ASN B 172 2.58 8.13 -22.87
N LEU B 173 3.07 8.14 -21.63
CA LEU B 173 2.30 8.71 -20.52
C LEU B 173 3.15 9.61 -19.64
N THR B 174 2.51 10.19 -18.62
CA THR B 174 3.19 10.93 -17.57
C THR B 174 2.59 10.51 -16.23
N GLU B 175 3.33 10.71 -15.14
CA GLU B 175 2.77 10.38 -13.83
C GLU B 175 1.57 11.26 -13.53
N GLN B 176 1.67 12.55 -13.87
CA GLN B 176 0.54 13.45 -13.65
C GLN B 176 -0.73 12.96 -14.37
N LYS B 177 -0.58 12.45 -15.59
CA LYS B 177 -1.71 11.91 -16.31
C LYS B 177 -2.29 10.71 -15.53
N CYS B 178 -1.40 9.84 -15.06
CA CYS B 178 -1.84 8.71 -14.23
C CYS B 178 -2.72 9.16 -13.06
N ILE B 179 -2.27 10.19 -12.34
CA ILE B 179 -3.01 10.69 -11.19
C ILE B 179 -4.35 11.30 -11.62
N GLU B 180 -4.38 11.91 -12.79
CA GLU B 180 -5.63 12.47 -13.31
C GLU B 180 -6.63 11.37 -13.66
N ILE B 181 -6.12 10.22 -14.08
CA ILE B 181 -6.94 9.06 -14.39
C ILE B 181 -7.49 8.44 -13.11
N VAL B 182 -6.60 8.21 -12.15
CA VAL B 182 -6.93 7.34 -11.04
C VAL B 182 -7.77 8.04 -9.97
N PHE B 183 -7.30 9.21 -9.52
CA PHE B 183 -7.90 9.86 -8.35
C PHE B 183 -9.38 10.20 -8.49
N PRO B 184 -9.81 10.73 -9.64
CA PRO B 184 -11.26 10.92 -9.77
C PRO B 184 -12.04 9.62 -9.70
N LEU B 185 -11.47 8.52 -10.19
CA LEU B 185 -12.16 7.24 -10.09
C LEU B 185 -12.29 6.84 -8.62
N TYR B 186 -11.18 6.92 -7.87
CA TYR B 186 -11.21 6.58 -6.45
C TYR B 186 -12.23 7.45 -5.72
N THR B 187 -12.23 8.74 -6.05
CA THR B 187 -13.15 9.69 -5.46
C THR B 187 -14.60 9.29 -5.70
N THR B 188 -14.91 8.96 -6.95
CA THR B 188 -16.26 8.50 -7.31
C THR B 188 -16.59 7.21 -6.58
N ALA B 189 -15.61 6.33 -6.48
CA ALA B 189 -15.83 5.04 -5.82
C ALA B 189 -16.22 5.22 -4.35
N LEU B 190 -15.59 6.18 -3.66
CA LEU B 190 -15.92 6.44 -2.27
C LEU B 190 -17.33 7.02 -2.11
N LYS B 191 -17.75 7.83 -3.07
N LYS B 191 -17.75 7.84 -3.07
CA LYS B 191 -19.12 8.35 -3.09
CA LYS B 191 -19.12 8.35 -3.08
C LYS B 191 -20.13 7.21 -3.27
C LYS B 191 -20.13 7.22 -3.28
N ASP B 192 -19.87 6.36 -4.26
CA ASP B 192 -20.73 5.19 -4.52
C ASP B 192 -20.83 4.25 -3.32
N LEU B 193 -19.69 4.07 -2.64
CA LEU B 193 -19.65 3.27 -1.42
C LEU B 193 -20.68 3.75 -0.41
N CYS B 194 -20.73 5.07 -0.22
CA CYS B 194 -21.69 5.68 0.69
C CYS B 194 -23.13 5.39 0.30
N THR B 195 -23.41 5.51 -1.00
CA THR B 195 -24.73 5.23 -1.54
C THR B 195 -25.15 3.81 -1.18
N HIS B 196 -24.27 2.85 -1.43
CA HIS B 196 -24.58 1.46 -1.17
C HIS B 196 -24.64 1.13 0.32
N LEU B 197 -23.91 1.88 1.14
CA LEU B 197 -23.97 1.71 2.59
C LEU B 197 -25.16 2.45 3.20
N SER B 198 -25.81 3.27 2.39
N SER B 198 -25.80 3.29 2.39
CA SER B 198 -26.88 4.15 2.85
CA SER B 198 -26.87 4.17 2.82
C SER B 198 -26.42 5.06 3.99
C SER B 198 -26.43 5.08 3.97
N ILE B 199 -25.25 5.66 3.84
CA ILE B 199 -24.77 6.67 4.78
C ILE B 199 -24.51 7.96 4.00
N PRO B 200 -24.63 9.13 4.66
CA PRO B 200 -24.40 10.41 3.98
C PRO B 200 -23.00 10.50 3.38
N GLU B 201 -22.85 11.15 2.24
CA GLU B 201 -21.51 11.26 1.64
C GLU B 201 -20.58 12.10 2.54
N SER B 202 -21.17 12.85 3.47
CA SER B 202 -20.40 13.56 4.48
C SER B 202 -19.63 12.61 5.39
N SER B 203 -19.90 11.32 5.28
CA SER B 203 -19.25 10.31 6.11
C SER B 203 -17.78 10.16 5.75
N VAL B 204 -17.41 10.58 4.54
CA VAL B 204 -16.06 10.36 4.03
C VAL B 204 -15.21 11.63 4.12
N THR B 205 -13.97 11.47 4.56
CA THR B 205 -13.04 12.58 4.59
C THR B 205 -11.67 12.13 4.10
N LEU B 206 -11.16 12.77 3.06
CA LEU B 206 -9.80 12.49 2.62
C LEU B 206 -8.82 12.99 3.67
N LEU B 207 -7.89 12.14 4.10
CA LEU B 207 -6.87 12.54 5.05
C LEU B 207 -5.79 13.36 4.37
N ASP B 208 -5.31 14.38 5.08
CA ASP B 208 -4.12 15.12 4.65
C ASP B 208 -2.92 14.19 4.70
N ASP B 209 -2.08 14.24 3.67
CA ASP B 209 -0.86 13.45 3.61
C ASP B 209 0.36 14.37 3.77
#